data_7QSH
#
_entry.id   7QSH
#
_cell.length_a   29.500
_cell.length_b   29.500
_cell.length_c   76.510
_cell.angle_alpha   90.000
_cell.angle_beta   90.000
_cell.angle_gamma   90.000
#
_symmetry.space_group_name_H-M   'P 43'
#
loop_
_entity.id
_entity.type
_entity.pdbx_description
1 polymer '23S ribosomal RNA Sarcin Ricin Loop 27-nucleotide fragment'
2 non-polymer URIDINE
3 non-polymer 9-[(2~{R},3~{R},4~{S},5~{R})-3,4-bis(oxidanyl)-5-[[tris(oxidanyl)-$l^{5}-phosphanyl]oxymethyl]oxolan-2-yl]-2-oxidanyl-1~{H}-purin-6-one
4 non-polymer GLYCEROL
5 non-polymer 'SULFATE ION'
6 water water
#
_entity_poly.entity_id   1
_entity_poly.type   'polyribonucleotide'
_entity_poly.pdbx_seq_one_letter_code
;U(XAN)CUCCUAGUACGAGAGGACCGGAGUG
;
_entity_poly.pdbx_strand_id   A
#
loop_
_chem_comp.id
_chem_comp.type
_chem_comp.name
_chem_comp.formula
A RNA linking ADENOSINE-5'-MONOPHOSPHATE 'C10 H14 N5 O7 P'
C RNA linking CYTIDINE-5'-MONOPHOSPHATE 'C9 H14 N3 O8 P'
G RNA linking GUANOSINE-5'-MONOPHOSPHATE 'C10 H14 N5 O8 P'
GOL non-polymer GLYCEROL 'C3 H8 O3'
HYJ L-RNA linking 9-[(2~{R},3~{R},4~{S},5~{R})-3,4-bis(oxidanyl)-5-[[tris(oxidanyl)-$l^{5}-phosphanyl]oxymethyl]oxolan-2-yl]-2-oxidanyl-1~{H}-purin-6-one 'C10 H13 N4 O9 P'
SO4 non-polymer 'SULFATE ION' 'O4 S -2'
U RNA linking URIDINE-5'-MONOPHOSPHATE 'C9 H13 N2 O9 P'
URI non-polymer URIDINE 'C9 H12 N2 O6'
XAN non-polymer XANTHINE 'C5 H4 N4 O2'
#
# COMPACT_ATOMS: atom_id res chain seq x y z
N1 URI B . 2.52 4.00 1.81
N1 URI B . 2.88 3.89 2.08
C2 URI B . 3.79 3.47 1.65
C2 URI B . 4.13 3.38 1.78
N3 URI B . 4.80 4.26 2.12
N3 URI B . 5.18 4.16 2.19
C4 URI B . 4.67 5.50 2.73
C4 URI B . 5.11 5.37 2.84
C5 URI B . 3.33 5.97 2.86
C5 URI B . 3.79 5.83 3.12
C6 URI B . 2.33 5.21 2.41
C6 URI B . 2.75 5.09 2.74
O2 URI B . 4.00 2.39 1.12
O2 URI B . 4.29 2.32 1.20
O4 URI B . 5.69 6.09 3.10
O4 URI B . 6.15 5.95 3.14
C1' URI B . 1.37 3.20 1.34
C1' URI B . 1.71 3.10 1.70
C2' URI B . 0.74 2.35 2.45
C2' URI B . 1.11 2.28 2.84
C3' URI B . -0.69 2.21 1.95
C3' URI B . -0.34 2.13 2.38
C4' URI B . -0.94 3.55 1.26
C4' URI B . -0.61 3.47 1.70
O2' URI B . 1.42 1.13 2.62
O2' URI B . 1.80 1.07 3.03
O3' URI B . -0.76 1.15 1.00
O3' URI B . -0.44 1.07 1.42
O4' URI B . 0.36 4.09 0.91
O4' URI B . 0.68 3.99 1.29
C5' URI B . -1.69 4.57 2.11
C5' URI B . -1.30 4.50 2.56
O5' URI B . -1.19 4.61 3.44
O5' URI B . -0.70 4.59 3.86
H3 URI B . 5.59 3.96 2.02
H3 URI B . 5.97 3.86 2.00
H5 URI B . 3.16 6.79 3.26
H5 URI B . 3.65 6.64 3.56
H6 URI B . 1.45 5.53 2.50
H6 URI B . 1.88 5.39 2.92
H1' URI B . 1.64 2.64 0.61
H1' URI B . 1.93 2.52 0.96
H2' URI B . 0.74 2.85 3.28
H2' URI B . 1.14 2.80 3.65
H3' URI B . -1.31 2.09 2.69
H3' URI B . -0.93 2.03 3.14
H4' URI B . -1.45 3.40 0.45
H4' URI B . -1.15 3.32 0.91
HO2' URI B . 1.10 0.73 3.28
HO2' URI B . 2.50 1.06 2.54
H5'1 URI B . -1.59 5.45 1.70
H5'1 URI B . -1.24 5.37 2.14
H5'2 URI B . -2.63 4.34 2.13
H5'2 URI B . -2.24 4.26 2.67
HO5' URI B . -1.72 4.57 4.09
HO5' URI B . -1.15 4.87 4.51
N9 HYJ C . -1.96 1.12 -4.10
N9 HYJ C . -1.32 0.59 -2.94
C4 HYJ C . -1.62 0.92 -5.29
C4 HYJ C . -1.03 0.44 -4.13
N3 HYJ C . -2.22 1.34 -6.53
N3 HYJ C . -1.69 0.82 -5.36
C2 HYJ C . -1.60 0.90 -7.78
C2 HYJ C . -1.08 0.49 -6.65
O2 HYJ C . -2.13 1.26 -9.02
O2 HYJ C . -1.70 0.84 -7.85
N1 HYJ C . -0.41 0.07 -7.75
N1 HYJ C . 0.20 -0.23 -6.68
C6 HYJ C . 0.15 -0.31 -6.49
C6 HYJ C . 0.84 -0.60 -5.42
O6 HYJ C . 1.30 -1.08 -6.45
O6 HYJ C . 2.04 -1.28 -5.43
C5 HYJ C . -0.50 0.14 -5.23
C5 HYJ C . 0.17 -0.24 -4.12
N7 HYJ C . -0.17 -0.09 -3.76
N7 HYJ C . 0.55 -0.45 -2.66
C8 HYJ C . -1.22 0.65 -3.14
C8 HYJ C . -0.55 0.16 -2.00
C1' HYJ C . -3.09 2.01 -3.72
C1' HYJ C . -2.57 1.30 -2.56
C2' HYJ C . -4.48 1.52 -4.13
C2' HYJ C . -3.81 0.45 -2.81
C3' HYJ C . -4.97 0.89 -2.83
C3' HYJ C . -3.98 -0.21 -1.45
C4' HYJ C . -4.40 1.82 -1.79
C4' HYJ C . -3.63 0.92 -0.51
C5' HYJ C . -4.29 1.24 -0.40
C5' HYJ C . -3.24 0.53 0.90
O2' HYJ C . -5.29 2.65 -4.42
O2' HYJ C . -4.89 1.32 -3.09
O3' HYJ C . -6.38 0.81 -2.73
O3' HYJ C . -5.26 -0.75 -1.21
O4' HYJ C . -3.09 2.16 -2.32
O4' HYJ C . -2.53 1.59 -1.18
O5' HYJ C . -3.03 1.52 0.19
O5' HYJ C . -2.25 -0.49 0.88
OP1 HYJ C . -2.34 0.11 2.21
OP1 HYJ C . -1.28 -0.06 3.22
OP2 HYJ C . -1.54 -0.53 -0.20
OP2 HYJ C . 0.24 -0.99 1.29
P HYJ C . -2.14 0.35 0.79
P HYJ C . -0.97 -0.38 1.83
H1 HYJ C . -0.04 -0.18 -8.48
H8 HYJ C . -1.36 0.75 -2.23
H104 HYJ C . -2.92 1.83 -6.53
C1 GOL D . -0.56 -22.06 0.43
O1 GOL D . -0.82 -23.38 0.02
C2 GOL D . 0.94 -21.93 0.73
O2 GOL D . 1.65 -21.95 -0.48
C3 GOL D . 1.24 -20.64 1.48
O3 GOL D . 2.60 -20.59 1.84
S SO4 E . 2.24 -21.10 5.26
O1 SO4 E . 3.12 -21.15 4.08
O2 SO4 E . 1.01 -20.38 4.91
O3 SO4 E . 2.91 -20.39 6.34
O4 SO4 E . 1.91 -22.46 5.68
#